data_2NAE
#
_entry.id   2NAE
#
_entity_poly.entity_id   1
_entity_poly.type   'polypeptide(L)'
_entity_poly.pdbx_seq_one_letter_code
;GTNSRRNRLLQSDYMNMTPRRPGLTRKPYQPYAPARDFAAYRP
;
_entity_poly.pdbx_strand_id   A
#
# COMPACT_ATOMS: atom_id res chain seq x y z
N GLY A 1 -12.38 -23.33 24.79
CA GLY A 1 -12.26 -21.99 25.47
C GLY A 1 -10.85 -21.83 26.03
N THR A 2 -10.77 -21.38 27.29
CA THR A 2 -9.48 -21.18 27.95
C THR A 2 -8.65 -20.13 27.21
N ASN A 3 -7.87 -19.35 27.98
CA ASN A 3 -7.03 -18.32 27.38
C ASN A 3 -5.68 -18.91 26.95
N SER A 4 -4.59 -18.17 27.15
CA SER A 4 -3.26 -18.65 26.76
C SER A 4 -3.27 -19.08 25.30
N ARG A 5 -3.37 -18.09 24.41
CA ARG A 5 -3.41 -18.37 22.98
C ARG A 5 -2.18 -19.20 22.55
N ARG A 6 -0.98 -18.75 22.95
CA ARG A 6 0.30 -19.44 22.64
C ARG A 6 0.37 -19.91 21.18
N ASN A 7 1.53 -19.72 20.55
CA ASN A 7 1.68 -20.13 19.17
C ASN A 7 0.60 -19.48 18.31
N ARG A 8 0.51 -18.15 18.40
CA ARG A 8 -0.50 -17.39 17.65
C ARG A 8 -0.69 -18.00 16.26
N LEU A 9 0.34 -17.87 15.41
CA LEU A 9 0.27 -18.44 14.06
C LEU A 9 1.61 -18.27 13.36
N LEU A 10 2.71 -18.56 14.07
CA LEU A 10 4.08 -18.45 13.51
C LEU A 10 4.12 -17.52 12.31
N GLN A 11 4.55 -16.29 12.52
CA GLN A 11 4.61 -15.35 11.43
C GLN A 11 3.18 -15.04 10.97
N SER A 12 3.02 -13.90 10.32
CA SER A 12 1.70 -13.49 9.83
C SER A 12 0.66 -13.56 10.94
N ASP A 13 0.45 -12.44 11.65
CA ASP A 13 -0.53 -12.40 12.73
C ASP A 13 -1.95 -12.50 12.16
N TYR A 14 -2.88 -12.96 12.98
CA TYR A 14 -4.26 -13.11 12.55
C TYR A 14 -4.91 -11.77 12.23
N MET A 15 -4.19 -10.67 12.54
CA MET A 15 -4.68 -9.31 12.29
C MET A 15 -6.18 -9.29 11.99
N ASN A 16 -6.98 -9.48 13.05
CA ASN A 16 -8.44 -9.50 12.91
C ASN A 16 -8.91 -8.48 11.88
N MET A 17 -10.03 -8.78 11.21
CA MET A 17 -10.60 -7.92 10.16
C MET A 17 -9.97 -8.25 8.81
N THR A 18 -8.66 -8.04 8.68
CA THR A 18 -7.95 -8.36 7.44
C THR A 18 -6.44 -8.11 7.61
N PRO A 19 -5.60 -8.78 6.85
CA PRO A 19 -4.12 -8.60 6.94
C PRO A 19 -3.69 -7.22 6.46
N ARG A 20 -2.69 -6.64 7.12
CA ARG A 20 -2.21 -5.31 6.74
C ARG A 20 -2.13 -5.17 5.22
N ARG A 21 -2.57 -4.01 4.73
CA ARG A 21 -2.57 -3.74 3.29
C ARG A 21 -1.28 -4.27 2.65
N PRO A 22 -1.35 -5.10 1.62
CA PRO A 22 -0.12 -5.64 0.96
C PRO A 22 0.51 -4.59 0.05
N GLY A 23 1.70 -4.14 0.43
CA GLY A 23 2.40 -3.12 -0.36
C GLY A 23 2.41 -3.49 -1.84
N LEU A 24 3.42 -4.25 -2.24
CA LEU A 24 3.54 -4.66 -3.63
C LEU A 24 3.44 -3.45 -4.56
N THR A 25 4.15 -2.38 -4.22
CA THR A 25 4.14 -1.14 -5.02
C THR A 25 5.52 -0.92 -5.65
N ARG A 26 6.45 -0.42 -4.85
CA ARG A 26 7.81 -0.17 -5.35
C ARG A 26 7.80 0.74 -6.57
N LYS A 27 8.88 1.48 -6.76
CA LYS A 27 8.99 2.40 -7.90
C LYS A 27 7.87 3.44 -7.87
N PRO A 28 8.11 4.66 -8.31
CA PRO A 28 7.06 5.72 -8.32
C PRO A 28 6.03 5.48 -9.42
N TYR A 29 4.80 5.95 -9.19
CA TYR A 29 3.74 5.78 -10.16
C TYR A 29 3.96 6.69 -11.36
N GLN A 30 4.97 7.57 -11.26
CA GLN A 30 5.30 8.53 -12.34
C GLN A 30 4.07 8.86 -13.18
N PRO A 31 3.14 9.57 -12.59
CA PRO A 31 1.87 9.94 -13.27
C PRO A 31 2.10 10.58 -14.64
N TYR A 32 3.12 11.43 -14.73
CA TYR A 32 3.46 12.10 -15.98
C TYR A 32 2.18 12.58 -16.70
N ALA A 33 1.91 13.88 -16.65
CA ALA A 33 0.72 14.43 -17.28
C ALA A 33 1.02 15.77 -17.92
N PRO A 34 1.74 15.79 -19.02
CA PRO A 34 2.06 17.06 -19.71
C PRO A 34 0.80 17.85 -20.03
N ALA A 35 0.59 18.93 -19.29
CA ALA A 35 -0.60 19.78 -19.49
C ALA A 35 -0.23 21.03 -20.28
N ARG A 36 0.26 22.06 -19.60
CA ARG A 36 0.63 23.28 -20.29
C ARG A 36 -0.51 23.76 -21.17
N ASP A 37 -1.38 24.58 -20.61
CA ASP A 37 -2.53 25.10 -21.35
C ASP A 37 -2.08 25.92 -22.55
N PHE A 38 -1.89 27.21 -22.32
CA PHE A 38 -1.45 28.12 -23.39
C PHE A 38 -1.24 29.54 -22.85
N ALA A 39 -1.00 29.62 -21.55
CA ALA A 39 -0.77 30.92 -20.89
C ALA A 39 -1.78 31.98 -21.35
N ALA A 40 -3.07 31.70 -21.15
CA ALA A 40 -4.14 32.64 -21.51
C ALA A 40 -4.11 32.95 -23.00
N TYR A 41 -4.07 31.89 -23.79
CA TYR A 41 -4.05 32.02 -25.26
C TYR A 41 -3.14 33.15 -25.70
N ARG A 42 -2.23 33.55 -24.80
CA ARG A 42 -1.24 34.63 -25.03
C ARG A 42 -1.58 35.50 -26.28
N PRO A 43 -1.80 36.81 -26.13
CA PRO A 43 -2.16 37.68 -27.29
C PRO A 43 -1.46 37.26 -28.59
N GLY A 1 -9.35 -23.85 24.31
CA GLY A 1 -8.10 -23.04 24.26
C GLY A 1 -7.80 -22.49 25.66
N THR A 2 -7.12 -21.35 25.69
CA THR A 2 -6.76 -20.73 26.97
C THR A 2 -5.92 -21.68 27.82
N ASN A 3 -5.02 -21.13 28.63
CA ASN A 3 -4.17 -21.94 29.48
C ASN A 3 -3.28 -22.87 28.65
N SER A 4 -1.98 -22.81 28.87
CA SER A 4 -1.04 -23.65 28.13
C SER A 4 -1.26 -23.52 26.63
N ARG A 5 -1.37 -22.27 26.17
CA ARG A 5 -1.59 -22.01 24.75
C ARG A 5 -0.46 -22.60 23.90
N ARG A 6 0.72 -21.98 23.95
CA ARG A 6 1.88 -22.45 23.19
C ARG A 6 1.54 -22.51 21.69
N ASN A 7 2.40 -21.89 20.87
CA ASN A 7 2.17 -21.88 19.43
C ASN A 7 0.88 -21.13 19.10
N ARG A 8 0.94 -19.81 19.26
CA ARG A 8 -0.23 -18.97 19.00
C ARG A 8 -0.79 -19.23 17.61
N LEU A 9 0.01 -18.93 16.58
CA LEU A 9 -0.42 -19.14 15.20
C LEU A 9 0.80 -19.26 14.28
N LEU A 10 1.91 -19.75 14.85
CA LEU A 10 3.18 -19.91 14.11
C LEU A 10 3.28 -18.94 12.94
N GLN A 11 4.00 -17.84 13.14
CA GLN A 11 4.15 -16.87 12.07
C GLN A 11 2.77 -16.39 11.65
N SER A 12 2.72 -15.21 11.06
CA SER A 12 1.44 -14.64 10.61
C SER A 12 0.49 -14.47 11.80
N ASP A 13 0.41 -13.25 12.35
CA ASP A 13 -0.48 -13.00 13.48
C ASP A 13 -1.92 -12.87 13.01
N TYR A 14 -2.87 -13.09 13.91
CA TYR A 14 -4.28 -13.02 13.56
C TYR A 14 -4.63 -11.66 12.96
N MET A 15 -3.70 -10.71 13.05
CA MET A 15 -3.90 -9.35 12.52
C MET A 15 -5.37 -9.05 12.25
N ASN A 16 -6.14 -8.88 13.34
CA ASN A 16 -7.58 -8.61 13.25
C ASN A 16 -7.92 -7.79 12.00
N MET A 17 -9.14 -7.96 11.51
CA MET A 17 -9.61 -7.26 10.30
C MET A 17 -9.10 -7.99 9.06
N THR A 18 -7.78 -7.98 8.88
CA THR A 18 -7.17 -8.66 7.74
C THR A 18 -5.64 -8.49 7.79
N PRO A 19 -4.90 -9.38 7.20
CA PRO A 19 -3.40 -9.31 7.20
C PRO A 19 -2.89 -8.18 6.30
N ARG A 20 -1.77 -7.58 6.71
CA ARG A 20 -1.18 -6.46 5.94
C ARG A 20 -1.40 -6.63 4.44
N ARG A 21 -1.47 -5.51 3.73
CA ARG A 21 -1.66 -5.55 2.28
C ARG A 21 -0.31 -5.71 1.58
N PRO A 22 -0.28 -6.25 0.39
CA PRO A 22 1.00 -6.44 -0.35
C PRO A 22 1.52 -5.10 -0.87
N GLY A 23 2.82 -4.88 -0.73
CA GLY A 23 3.41 -3.64 -1.19
C GLY A 23 3.32 -3.54 -2.71
N LEU A 24 2.71 -2.47 -3.19
CA LEU A 24 2.57 -2.27 -4.63
C LEU A 24 2.02 -0.88 -4.94
N THR A 25 2.60 0.13 -4.29
CA THR A 25 2.17 1.51 -4.51
C THR A 25 3.36 2.36 -4.93
N ARG A 26 4.17 2.77 -3.95
CA ARG A 26 5.35 3.59 -4.19
C ARG A 26 5.13 4.53 -5.39
N LYS A 27 4.21 5.47 -5.22
CA LYS A 27 3.89 6.41 -6.29
C LYS A 27 3.40 5.63 -7.52
N PRO A 28 2.62 6.23 -8.37
CA PRO A 28 2.10 5.56 -9.59
C PRO A 28 3.19 5.28 -10.62
N TYR A 29 4.44 5.18 -10.14
CA TYR A 29 5.62 4.93 -10.99
C TYR A 29 5.64 5.85 -12.21
N GLN A 30 6.78 6.55 -12.40
CA GLN A 30 6.95 7.50 -13.51
C GLN A 30 5.60 8.08 -13.95
N PRO A 31 5.05 8.98 -13.17
CA PRO A 31 3.72 9.60 -13.44
C PRO A 31 3.57 10.11 -14.88
N TYR A 32 4.59 10.80 -15.36
CA TYR A 32 4.57 11.35 -16.71
C TYR A 32 3.26 12.10 -16.99
N ALA A 33 3.36 13.42 -17.15
CA ALA A 33 2.17 14.23 -17.42
C ALA A 33 2.56 15.55 -18.08
N PRO A 34 3.07 15.51 -19.28
CA PRO A 34 3.48 16.74 -20.03
C PRO A 34 2.36 17.79 -20.06
N ALA A 35 2.23 18.52 -18.97
CA ALA A 35 1.19 19.57 -18.89
C ALA A 35 1.68 20.85 -19.56
N ARG A 36 2.64 21.56 -18.90
CA ARG A 36 3.21 22.82 -19.43
C ARG A 36 2.46 23.34 -20.65
N ASP A 37 1.16 23.60 -20.46
CA ASP A 37 0.30 24.08 -21.55
C ASP A 37 1.06 24.97 -22.52
N PHE A 38 1.00 26.27 -22.30
CA PHE A 38 1.69 27.22 -23.16
C PHE A 38 1.48 28.65 -22.66
N ALA A 39 1.14 28.78 -21.38
CA ALA A 39 0.89 30.10 -20.79
C ALA A 39 -0.19 30.83 -21.58
N ALA A 40 -1.30 30.13 -21.79
CA ALA A 40 -2.44 30.69 -22.52
C ALA A 40 -1.97 31.49 -23.75
N TYR A 41 -0.94 30.99 -24.43
CA TYR A 41 -0.42 31.68 -25.62
C TYR A 41 -0.31 33.18 -25.38
N ARG A 42 -0.38 33.57 -24.11
CA ARG A 42 -0.30 35.00 -23.76
C ARG A 42 0.81 35.68 -24.59
N PRO A 43 0.73 36.97 -24.80
CA PRO A 43 1.76 37.71 -25.59
C PRO A 43 3.17 37.15 -25.38
N GLY A 1 -5.02 -27.05 21.02
CA GLY A 1 -4.91 -25.82 21.87
C GLY A 1 -3.44 -25.55 22.19
N THR A 2 -3.16 -25.19 23.44
CA THR A 2 -1.80 -24.91 23.88
C THR A 2 -1.22 -23.68 23.17
N ASN A 3 -0.37 -22.93 23.86
CA ASN A 3 0.22 -21.72 23.26
C ASN A 3 1.29 -22.12 22.23
N SER A 4 2.54 -21.72 22.46
CA SER A 4 3.61 -22.05 21.51
C SER A 4 3.16 -21.77 20.09
N ARG A 5 2.57 -20.60 19.88
CA ARG A 5 2.07 -20.25 18.55
C ARG A 5 3.20 -20.33 17.50
N ARG A 6 4.37 -19.75 17.81
CA ARG A 6 5.54 -19.75 16.92
C ARG A 6 5.18 -19.41 15.47
N ASN A 7 5.98 -18.55 14.84
CA ASN A 7 5.72 -18.14 13.46
C ASN A 7 4.23 -17.91 13.28
N ARG A 8 3.73 -16.81 13.88
CA ARG A 8 2.30 -16.49 13.82
C ARG A 8 1.77 -16.74 12.40
N LEU A 9 2.50 -16.22 11.40
CA LEU A 9 2.10 -16.40 10.01
C LEU A 9 3.19 -15.88 9.09
N LEU A 10 4.46 -16.09 9.47
CA LEU A 10 5.62 -15.64 8.66
C LEU A 10 5.23 -14.51 7.71
N GLN A 11 5.51 -13.28 8.09
CA GLN A 11 5.16 -12.15 7.22
C GLN A 11 3.63 -12.06 7.16
N SER A 12 3.13 -10.86 6.96
CA SER A 12 1.68 -10.64 6.88
C SER A 12 0.97 -11.06 8.18
N ASP A 13 0.80 -10.11 9.10
CA ASP A 13 0.14 -10.40 10.39
C ASP A 13 -1.32 -10.78 10.18
N TYR A 14 -1.83 -11.65 11.04
CA TYR A 14 -3.20 -12.10 10.94
C TYR A 14 -4.20 -10.95 11.05
N MET A 15 -3.70 -9.78 11.49
CA MET A 15 -4.54 -8.57 11.66
C MET A 15 -6.03 -8.90 11.64
N ASN A 16 -6.52 -9.42 12.76
CA ASN A 16 -7.94 -9.81 12.89
C ASN A 16 -8.82 -8.91 12.04
N MET A 17 -9.90 -9.49 11.54
CA MET A 17 -10.85 -8.78 10.66
C MET A 17 -10.37 -8.90 9.20
N THR A 18 -9.05 -8.76 8.99
CA THR A 18 -8.48 -8.88 7.65
C THR A 18 -6.96 -8.58 7.67
N PRO A 19 -6.13 -9.29 6.91
CA PRO A 19 -4.66 -9.01 6.87
C PRO A 19 -4.39 -7.52 6.64
N ARG A 20 -3.37 -7.00 7.33
CA ARG A 20 -2.99 -5.58 7.20
C ARG A 20 -3.19 -5.09 5.76
N ARG A 21 -3.54 -3.82 5.62
CA ARG A 21 -3.77 -3.25 4.29
C ARG A 21 -2.74 -3.77 3.29
N PRO A 22 -3.06 -3.81 2.02
CA PRO A 22 -2.12 -4.32 0.98
C PRO A 22 -0.98 -3.34 0.73
N GLY A 23 0.22 -3.74 1.15
CA GLY A 23 1.40 -2.90 0.97
C GLY A 23 1.55 -2.51 -0.49
N LEU A 24 1.16 -1.27 -0.81
CA LEU A 24 1.25 -0.77 -2.19
C LEU A 24 2.32 0.32 -2.29
N THR A 25 3.28 0.27 -1.37
CA THR A 25 4.37 1.27 -1.35
C THR A 25 5.61 0.72 -2.08
N ARG A 26 6.05 -0.47 -1.71
CA ARG A 26 7.23 -1.08 -2.33
C ARG A 26 7.15 -0.96 -3.86
N LYS A 27 8.32 -0.88 -4.50
CA LYS A 27 8.40 -0.77 -5.94
C LYS A 27 7.77 0.56 -6.42
N PRO A 28 8.38 1.28 -7.34
CA PRO A 28 7.82 2.58 -7.83
C PRO A 28 6.64 2.34 -8.77
N TYR A 29 5.74 3.32 -8.83
CA TYR A 29 4.56 3.22 -9.70
C TYR A 29 4.64 4.25 -10.82
N GLN A 30 5.71 5.07 -10.80
CA GLN A 30 5.91 6.13 -11.82
C GLN A 30 4.58 6.56 -12.43
N PRO A 31 3.75 7.22 -11.65
CA PRO A 31 2.41 7.69 -12.10
C PRO A 31 2.47 8.49 -13.40
N TYR A 32 3.57 9.21 -13.60
CA TYR A 32 3.75 10.02 -14.82
C TYR A 32 2.44 10.74 -15.21
N ALA A 33 2.38 12.03 -14.93
CA ALA A 33 1.20 12.83 -15.23
C ALA A 33 1.49 13.83 -16.36
N PRO A 34 1.24 13.49 -17.60
CA PRO A 34 1.51 14.43 -18.71
C PRO A 34 0.88 15.79 -18.44
N ALA A 35 1.72 16.81 -18.31
CA ALA A 35 1.23 18.18 -18.06
C ALA A 35 1.54 19.10 -19.23
N ARG A 36 2.82 19.46 -19.39
CA ARG A 36 3.29 20.34 -20.48
C ARG A 36 2.14 21.11 -21.16
N ASP A 37 2.06 22.41 -20.86
CA ASP A 37 1.00 23.24 -21.45
C ASP A 37 1.13 23.26 -22.96
N PHE A 38 2.21 22.67 -23.45
CA PHE A 38 2.46 22.62 -24.89
C PHE A 38 2.27 23.99 -25.53
N ALA A 39 3.38 24.65 -25.85
CA ALA A 39 3.34 25.97 -26.48
C ALA A 39 2.51 26.96 -25.66
N ALA A 40 2.62 26.85 -24.34
CA ALA A 40 1.88 27.75 -23.44
C ALA A 40 0.42 27.85 -23.89
N TYR A 41 -0.12 26.71 -24.30
CA TYR A 41 -1.52 26.64 -24.76
C TYR A 41 -1.82 27.81 -25.70
N ARG A 42 -0.77 28.47 -26.18
CA ARG A 42 -0.92 29.61 -27.10
C ARG A 42 -2.08 29.36 -28.08
N PRO A 43 -3.24 29.96 -27.88
CA PRO A 43 -4.40 29.74 -28.80
C PRO A 43 -3.99 29.83 -30.26
N GLY A 1 -8.64 -25.47 24.30
CA GLY A 1 -8.24 -24.18 24.95
C GLY A 1 -6.76 -24.21 25.30
N THR A 2 -6.45 -23.95 26.56
CA THR A 2 -5.07 -23.95 27.03
C THR A 2 -4.22 -22.95 26.24
N ASN A 3 -3.33 -22.25 26.93
CA ASN A 3 -2.47 -21.27 26.26
C ASN A 3 -1.46 -21.98 25.36
N SER A 4 -0.16 -21.76 25.58
CA SER A 4 0.85 -22.41 24.74
C SER A 4 0.47 -22.29 23.27
N ARG A 5 0.07 -21.09 22.86
CA ARG A 5 -0.36 -20.85 21.49
C ARG A 5 0.73 -21.28 20.49
N ARG A 6 1.97 -20.80 20.68
CA ARG A 6 3.11 -21.13 19.81
C ARG A 6 2.76 -21.04 18.32
N ASN A 7 3.65 -20.43 17.54
CA ASN A 7 3.41 -20.30 16.10
C ASN A 7 2.05 -19.65 15.86
N ARG A 8 2.02 -18.33 15.92
CA ARG A 8 0.76 -17.60 15.73
C ARG A 8 0.20 -17.87 14.34
N LEU A 9 1.05 -17.75 13.32
CA LEU A 9 0.63 -18.00 11.94
C LEU A 9 1.83 -17.82 10.99
N LEU A 10 3.01 -18.24 11.45
CA LEU A 10 4.26 -18.11 10.67
C LEU A 10 4.21 -16.99 9.64
N GLN A 11 4.93 -15.92 9.93
CA GLN A 11 4.97 -14.79 9.01
C GLN A 11 3.59 -14.13 8.94
N SER A 12 3.60 -12.81 9.01
CA SER A 12 2.36 -12.02 8.97
C SER A 12 1.48 -12.32 10.18
N ASP A 13 1.88 -13.31 10.99
CA ASP A 13 1.13 -13.68 12.18
C ASP A 13 -0.38 -13.71 11.88
N TYR A 14 -1.18 -13.88 12.92
CA TYR A 14 -2.62 -13.94 12.75
C TYR A 14 -3.19 -12.57 12.40
N MET A 15 -2.31 -11.56 12.30
CA MET A 15 -2.71 -10.18 11.96
C MET A 15 -4.23 -10.00 11.98
N ASN A 16 -4.77 -9.90 13.19
CA ASN A 16 -6.22 -9.75 13.42
C ASN A 16 -6.91 -9.10 12.22
N MET A 17 -8.16 -9.48 11.99
CA MET A 17 -8.96 -8.96 10.87
C MET A 17 -8.51 -9.63 9.58
N THR A 18 -7.29 -9.32 9.16
CA THR A 18 -6.73 -9.93 7.94
C THR A 18 -5.28 -9.43 7.75
N PRO A 19 -4.48 -10.05 6.91
CA PRO A 19 -3.08 -9.60 6.67
C PRO A 19 -3.03 -8.15 6.19
N ARG A 20 -2.01 -7.40 6.61
CA ARG A 20 -1.86 -5.99 6.24
C ARG A 20 -2.46 -5.69 4.87
N ARG A 21 -2.98 -4.48 4.69
CA ARG A 21 -3.58 -4.08 3.43
C ARG A 21 -2.47 -3.83 2.40
N PRO A 22 -2.77 -3.98 1.13
CA PRO A 22 -1.75 -3.74 0.05
C PRO A 22 -1.49 -2.25 -0.14
N GLY A 23 -0.26 -1.90 -0.49
CA GLY A 23 0.07 -0.49 -0.71
C GLY A 23 -0.74 0.06 -1.88
N LEU A 24 -1.64 1.00 -1.60
CA LEU A 24 -2.49 1.61 -2.63
C LEU A 24 -2.27 3.12 -2.64
N THR A 25 -1.47 3.60 -1.69
CA THR A 25 -1.16 5.04 -1.60
C THR A 25 0.15 5.35 -2.31
N ARG A 26 1.24 4.77 -1.82
CA ARG A 26 2.56 5.01 -2.42
C ARG A 26 2.52 4.75 -3.93
N LYS A 27 2.92 5.77 -4.70
CA LYS A 27 2.94 5.66 -6.17
C LYS A 27 3.55 4.31 -6.60
N PRO A 28 2.77 3.34 -7.06
CA PRO A 28 3.30 2.01 -7.50
C PRO A 28 4.34 2.09 -8.64
N TYR A 29 5.41 2.87 -8.43
CA TYR A 29 6.51 3.03 -9.41
C TYR A 29 6.03 3.23 -10.86
N GLN A 30 6.62 4.24 -11.51
CA GLN A 30 6.36 4.63 -12.92
C GLN A 30 5.93 6.09 -13.00
N PRO A 31 6.88 7.02 -12.96
CA PRO A 31 6.55 8.48 -13.01
C PRO A 31 5.76 8.87 -14.26
N TYR A 32 6.22 8.39 -15.42
CA TYR A 32 5.57 8.68 -16.72
C TYR A 32 4.80 10.01 -16.66
N ALA A 33 5.42 11.06 -17.18
CA ALA A 33 4.78 12.38 -17.15
C ALA A 33 5.24 13.24 -18.31
N PRO A 34 4.74 12.99 -19.50
CA PRO A 34 5.13 13.81 -20.68
C PRO A 34 4.85 15.28 -20.41
N ALA A 35 5.83 16.13 -20.70
CA ALA A 35 5.67 17.58 -20.47
C ALA A 35 5.45 18.32 -21.79
N ARG A 36 6.52 18.78 -22.42
CA ARG A 36 6.40 19.50 -23.69
C ARG A 36 5.26 20.51 -23.60
N ASP A 37 5.49 21.60 -22.88
CA ASP A 37 4.48 22.64 -22.73
C ASP A 37 4.07 23.18 -24.08
N PHE A 38 5.08 23.49 -24.89
CA PHE A 38 4.85 24.00 -26.23
C PHE A 38 3.92 25.21 -26.19
N ALA A 39 4.47 26.38 -26.52
CA ALA A 39 3.67 27.61 -26.55
C ALA A 39 3.04 27.91 -25.20
N ALA A 40 3.76 27.58 -24.13
CA ALA A 40 3.25 27.83 -22.77
C ALA A 40 1.82 27.28 -22.63
N TYR A 41 1.28 27.39 -21.42
CA TYR A 41 -0.09 26.90 -21.16
C TYR A 41 -0.19 25.43 -21.54
N ARG A 42 0.79 24.65 -21.09
CA ARG A 42 0.84 23.20 -21.37
C ARG A 42 -0.57 22.62 -21.51
N PRO A 43 -0.78 21.60 -22.32
CA PRO A 43 -2.12 20.98 -22.50
C PRO A 43 -2.90 20.92 -21.19
N GLY A 1 -12.70 -22.30 25.72
CA GLY A 1 -12.53 -21.16 26.67
C GLY A 1 -11.06 -20.97 27.00
N THR A 2 -10.76 -20.74 28.28
CA THR A 2 -9.38 -20.56 28.72
C THR A 2 -8.72 -19.38 27.98
N ASN A 3 -7.94 -18.57 28.71
CA ASN A 3 -7.25 -17.44 28.10
C ASN A 3 -5.87 -17.91 27.66
N SER A 4 -4.88 -17.01 27.66
CA SER A 4 -3.54 -17.40 27.23
C SER A 4 -3.61 -17.89 25.79
N ARG A 5 -3.83 -16.94 24.88
CA ARG A 5 -3.97 -17.25 23.46
C ARG A 5 -2.77 -18.07 22.96
N ARG A 6 -1.54 -17.61 23.28
CA ARG A 6 -0.29 -18.30 22.89
C ARG A 6 -0.30 -18.78 21.43
N ASN A 7 0.82 -18.56 20.73
CA ASN A 7 0.92 -18.99 19.34
C ASN A 7 -0.22 -18.38 18.53
N ARG A 8 -0.40 -17.07 18.67
CA ARG A 8 -1.46 -16.34 17.97
C ARG A 8 -1.76 -16.96 16.61
N LEU A 9 -0.76 -16.94 15.72
CA LEU A 9 -0.91 -17.51 14.39
C LEU A 9 0.44 -17.69 13.72
N LEU A 10 1.50 -17.82 14.54
CA LEU A 10 2.89 -17.98 14.05
C LEU A 10 3.09 -17.37 12.66
N GLN A 11 3.84 -16.29 12.59
CA GLN A 11 4.10 -15.65 11.30
C GLN A 11 2.77 -15.14 10.74
N SER A 12 2.80 -13.93 10.20
CA SER A 12 1.60 -13.32 9.63
C SER A 12 0.62 -12.98 10.75
N ASP A 13 0.61 -11.72 11.19
CA ASP A 13 -0.29 -11.32 12.27
C ASP A 13 -1.74 -11.29 11.80
N TYR A 14 -2.63 -11.71 12.69
CA TYR A 14 -4.05 -11.75 12.39
C TYR A 14 -4.56 -10.40 11.91
N MET A 15 -3.72 -9.37 12.01
CA MET A 15 -4.05 -7.99 11.60
C MET A 15 -5.54 -7.84 11.32
N ASN A 16 -6.33 -7.83 12.40
CA ASN A 16 -7.80 -7.72 12.33
C ASN A 16 -8.28 -7.20 10.97
N MET A 17 -9.29 -7.89 10.42
CA MET A 17 -9.87 -7.56 9.10
C MET A 17 -9.27 -8.47 8.05
N THR A 18 -7.96 -8.66 8.13
CA THR A 18 -7.25 -9.52 7.19
C THR A 18 -5.74 -9.48 7.52
N PRO A 19 -4.99 -10.55 7.33
CA PRO A 19 -3.53 -10.53 7.60
C PRO A 19 -2.87 -9.36 6.88
N ARG A 20 -1.73 -8.88 7.40
CA ARG A 20 -1.02 -7.75 6.80
C ARG A 20 -1.15 -7.77 5.26
N ARG A 21 -1.05 -6.61 4.65
CA ARG A 21 -1.15 -6.50 3.20
C ARG A 21 0.24 -6.63 2.55
N PRO A 22 0.32 -7.12 1.34
CA PRO A 22 1.62 -7.29 0.61
C PRO A 22 2.15 -5.95 0.10
N GLY A 23 3.47 -5.86 -0.08
CA GLY A 23 4.07 -4.62 -0.57
C GLY A 23 3.57 -4.31 -1.96
N LEU A 24 2.68 -3.31 -2.07
CA LEU A 24 2.11 -2.93 -3.37
C LEU A 24 1.69 -1.46 -3.35
N THR A 25 2.50 -0.62 -2.70
CA THR A 25 2.20 0.82 -2.61
C THR A 25 3.01 1.62 -3.63
N ARG A 26 4.33 1.58 -3.48
CA ARG A 26 5.28 2.28 -4.37
C ARG A 26 4.62 2.82 -5.65
N LYS A 27 4.74 4.12 -5.87
CA LYS A 27 4.15 4.78 -7.03
C LYS A 27 4.31 3.91 -8.29
N PRO A 28 3.43 4.05 -9.27
CA PRO A 28 3.49 3.25 -10.54
C PRO A 28 4.72 3.58 -11.39
N TYR A 29 5.78 4.04 -10.74
CA TYR A 29 7.03 4.38 -11.45
C TYR A 29 6.78 5.09 -12.78
N GLN A 30 6.98 6.43 -12.77
CA GLN A 30 6.83 7.32 -13.94
C GLN A 30 5.55 8.19 -13.81
N PRO A 31 5.62 9.28 -13.08
CA PRO A 31 4.43 10.18 -12.89
C PRO A 31 3.90 10.79 -14.20
N TYR A 32 4.73 11.62 -14.82
CA TYR A 32 4.35 12.32 -16.06
C TYR A 32 2.91 12.83 -15.99
N ALA A 33 2.75 14.14 -15.83
CA ALA A 33 1.42 14.75 -15.75
C ALA A 33 1.33 16.00 -16.64
N PRO A 34 0.65 15.95 -17.77
CA PRO A 34 0.55 17.14 -18.67
C PRO A 34 -0.45 18.15 -18.15
N ALA A 35 0.04 19.31 -17.73
CA ALA A 35 -0.82 20.37 -17.20
C ALA A 35 -1.16 21.37 -18.31
N ARG A 36 -0.15 22.01 -18.86
CA ARG A 36 -0.38 22.98 -19.93
C ARG A 36 -1.49 23.94 -19.51
N ASP A 37 -1.19 24.81 -18.55
CA ASP A 37 -2.18 25.77 -18.05
C ASP A 37 -3.54 25.10 -17.88
N PHE A 38 -3.83 24.61 -16.67
CA PHE A 38 -5.10 23.93 -16.41
C PHE A 38 -5.42 23.98 -14.91
N ALA A 39 -4.57 24.65 -14.15
CA ALA A 39 -4.78 24.74 -12.70
C ALA A 39 -5.85 25.77 -12.35
N ALA A 40 -6.23 26.61 -13.30
CA ALA A 40 -7.26 27.62 -13.05
C ALA A 40 -8.01 27.96 -14.34
N TYR A 41 -7.28 28.21 -15.43
CA TYR A 41 -7.89 28.49 -16.75
C TYR A 41 -9.12 29.43 -16.66
N ARG A 42 -9.37 30.02 -15.49
CA ARG A 42 -10.53 30.91 -15.34
C ARG A 42 -11.79 30.17 -15.82
N PRO A 43 -12.95 30.79 -15.80
CA PRO A 43 -14.21 30.14 -16.27
C PRO A 43 -14.13 29.67 -17.72
N GLY A 1 -9.94 -22.54 23.76
CA GLY A 1 -8.66 -21.80 23.58
C GLY A 1 -8.15 -21.33 24.94
N THR A 2 -7.61 -20.11 24.98
CA THR A 2 -7.10 -19.55 26.23
C THR A 2 -6.02 -20.47 26.80
N ASN A 3 -5.14 -19.90 27.66
CA ASN A 3 -4.05 -20.66 28.28
C ASN A 3 -3.26 -21.45 27.23
N SER A 4 -1.95 -21.20 27.18
CA SER A 4 -1.10 -21.91 26.22
C SER A 4 -1.53 -21.58 24.79
N ARG A 5 -1.83 -20.31 24.55
CA ARG A 5 -2.25 -19.88 23.21
C ARG A 5 -1.26 -20.33 22.14
N ARG A 6 0.04 -20.15 22.41
CA ARG A 6 1.07 -20.54 21.46
C ARG A 6 0.87 -19.86 20.11
N ASN A 7 1.45 -18.67 19.97
CA ASN A 7 1.35 -17.88 18.73
C ASN A 7 -0.13 -17.62 18.37
N ARG A 8 -0.47 -16.37 18.14
CA ARG A 8 -1.85 -16.02 17.79
C ARG A 8 -2.25 -16.64 16.45
N LEU A 9 -1.36 -16.58 15.46
CA LEU A 9 -1.66 -17.14 14.14
C LEU A 9 -0.37 -17.42 13.36
N LEU A 10 0.66 -17.90 14.05
CA LEU A 10 1.96 -18.21 13.46
C LEU A 10 2.25 -17.39 12.20
N GLN A 11 3.22 -16.49 12.30
CA GLN A 11 3.58 -15.67 11.15
C GLN A 11 2.42 -14.73 10.85
N SER A 12 2.77 -13.50 10.50
CA SER A 12 1.76 -12.50 10.17
C SER A 12 0.70 -12.38 11.26
N ASP A 13 0.84 -13.16 12.35
CA ASP A 13 -0.14 -13.12 13.44
C ASP A 13 -1.56 -12.94 12.93
N TYR A 14 -2.46 -12.52 13.80
CA TYR A 14 -3.84 -12.33 13.41
C TYR A 14 -4.00 -11.13 12.49
N MET A 15 -2.93 -10.33 12.36
CA MET A 15 -2.95 -9.13 11.50
C MET A 15 -4.37 -8.74 11.09
N ASN A 16 -5.10 -8.14 12.01
CA ASN A 16 -6.49 -7.74 11.76
C ASN A 16 -6.66 -7.27 10.33
N MET A 17 -7.85 -7.52 9.77
CA MET A 17 -8.18 -7.16 8.38
C MET A 17 -7.67 -8.25 7.43
N THR A 18 -6.34 -8.41 7.35
CA THR A 18 -5.77 -9.44 6.47
C THR A 18 -4.24 -9.52 6.63
N PRO A 19 -3.61 -10.68 6.46
CA PRO A 19 -2.12 -10.76 6.55
C PRO A 19 -1.47 -9.70 5.68
N ARG A 20 -0.30 -9.20 6.13
CA ARG A 20 0.44 -8.14 5.42
C ARG A 20 -0.12 -7.88 4.02
N ARG A 21 -0.65 -6.67 3.85
CA ARG A 21 -1.26 -6.28 2.58
C ARG A 21 -0.18 -5.88 1.57
N PRO A 22 -0.43 -6.05 0.30
CA PRO A 22 0.55 -5.67 -0.76
C PRO A 22 0.58 -4.16 -0.94
N GLY A 23 1.73 -3.55 -0.73
CA GLY A 23 1.86 -2.10 -0.86
C GLY A 23 1.25 -1.63 -2.17
N LEU A 24 0.55 -0.51 -2.11
CA LEU A 24 -0.08 0.05 -3.29
C LEU A 24 -0.39 1.54 -3.09
N THR A 25 0.57 2.25 -2.50
CA THR A 25 0.41 3.69 -2.24
C THR A 25 1.21 4.49 -3.26
N ARG A 26 2.54 4.44 -3.14
CA ARG A 26 3.40 5.18 -4.07
C ARG A 26 2.93 4.97 -5.51
N LYS A 27 3.39 5.83 -6.41
CA LYS A 27 2.99 5.73 -7.81
C LYS A 27 3.69 4.51 -8.47
N PRO A 28 2.95 3.49 -8.91
CA PRO A 28 3.56 2.26 -9.53
C PRO A 28 4.70 2.57 -10.52
N TYR A 29 5.89 2.85 -10.00
CA TYR A 29 7.07 3.15 -10.83
C TYR A 29 6.70 4.10 -11.98
N GLN A 30 7.71 4.58 -12.73
CA GLN A 30 7.48 5.52 -13.86
C GLN A 30 6.19 6.31 -13.66
N PRO A 31 6.19 7.23 -12.73
CA PRO A 31 4.98 8.04 -12.42
C PRO A 31 4.42 8.77 -13.65
N TYR A 32 5.25 9.62 -14.26
CA TYR A 32 4.85 10.39 -15.44
C TYR A 32 3.39 10.88 -15.32
N ALA A 33 3.21 12.18 -15.11
CA ALA A 33 1.86 12.72 -14.98
C ALA A 33 1.83 14.20 -15.39
N PRO A 34 2.01 14.49 -16.66
CA PRO A 34 1.99 15.89 -17.14
C PRO A 34 0.71 16.59 -16.72
N ALA A 35 0.81 17.43 -15.70
CA ALA A 35 -0.34 18.19 -15.20
C ALA A 35 -0.09 19.68 -15.37
N ARG A 36 0.90 20.21 -14.62
CA ARG A 36 1.29 21.64 -14.67
C ARG A 36 0.31 22.47 -15.49
N ASP A 37 -0.97 22.42 -15.08
CA ASP A 37 -2.07 23.14 -15.75
C ASP A 37 -1.60 23.83 -17.03
N PHE A 38 -1.20 25.07 -16.89
CA PHE A 38 -0.68 25.83 -18.02
C PHE A 38 -0.10 27.14 -17.51
N ALA A 39 -0.24 27.37 -16.22
CA ALA A 39 0.29 28.58 -15.60
C ALA A 39 -0.21 29.84 -16.31
N ALA A 40 -1.51 29.90 -16.56
CA ALA A 40 -2.11 31.05 -17.24
C ALA A 40 -2.03 30.89 -18.76
N TYR A 41 -2.51 29.76 -19.24
CA TYR A 41 -2.48 29.49 -20.68
C TYR A 41 -1.08 29.74 -21.23
N ARG A 42 -0.12 29.83 -20.32
CA ARG A 42 1.29 30.09 -20.70
C ARG A 42 1.62 29.40 -22.05
N PRO A 43 1.58 30.12 -23.15
CA PRO A 43 1.88 29.50 -24.48
C PRO A 43 3.16 28.65 -24.45
N GLY A 1 -9.01 -20.64 19.36
CA GLY A 1 -7.69 -19.96 19.37
C GLY A 1 -7.45 -19.29 20.73
N THR A 2 -6.83 -18.11 20.70
CA THR A 2 -6.56 -17.37 21.94
C THR A 2 -5.74 -18.22 22.90
N ASN A 3 -5.02 -17.55 23.82
CA ASN A 3 -4.20 -18.25 24.81
C ASN A 3 -3.19 -19.17 24.12
N SER A 4 -1.93 -19.10 24.56
CA SER A 4 -0.88 -19.93 23.97
C SER A 4 -0.51 -19.47 22.56
N ARG A 5 -0.54 -18.15 22.32
CA ARG A 5 -0.22 -17.62 21.00
C ARG A 5 1.29 -17.77 20.68
N ARG A 6 1.58 -18.29 19.49
CA ARG A 6 2.97 -18.47 19.05
C ARG A 6 3.04 -18.69 17.54
N ASN A 7 4.03 -18.09 16.90
CA ASN A 7 4.19 -18.24 15.44
C ASN A 7 2.86 -18.08 14.71
N ARG A 8 2.28 -16.89 14.82
CA ARG A 8 0.99 -16.60 14.16
C ARG A 8 0.85 -17.39 12.85
N LEU A 9 1.65 -17.00 11.85
CA LEU A 9 1.61 -17.68 10.55
C LEU A 9 2.75 -17.20 9.66
N LEU A 10 3.95 -17.11 10.23
CA LEU A 10 5.16 -16.66 9.51
C LEU A 10 4.86 -15.70 8.36
N GLN A 11 5.34 -14.46 8.53
CA GLN A 11 5.15 -13.42 7.51
C GLN A 11 3.74 -12.82 7.60
N SER A 12 3.70 -11.53 7.89
CA SER A 12 2.42 -10.83 8.03
C SER A 12 1.78 -11.21 9.38
N ASP A 13 0.93 -10.32 9.92
CA ASP A 13 0.28 -10.60 11.20
C ASP A 13 -1.19 -10.92 11.00
N TYR A 14 -1.68 -11.88 11.77
CA TYR A 14 -3.06 -12.32 11.67
C TYR A 14 -4.03 -11.16 11.90
N MET A 15 -3.48 -10.00 12.25
CA MET A 15 -4.28 -8.79 12.52
C MET A 15 -5.78 -9.12 12.69
N ASN A 16 -6.10 -9.76 13.82
CA ASN A 16 -7.48 -10.19 14.16
C ASN A 16 -8.53 -9.49 13.28
N MET A 17 -9.45 -10.30 12.75
CA MET A 17 -10.53 -9.84 11.86
C MET A 17 -10.13 -10.14 10.42
N THR A 18 -8.84 -10.01 10.17
CA THR A 18 -8.27 -10.23 8.85
C THR A 18 -6.77 -9.85 8.90
N PRO A 19 -5.85 -10.63 8.36
CA PRO A 19 -4.41 -10.23 8.40
C PRO A 19 -4.19 -8.84 7.79
N ARG A 20 -3.25 -8.08 8.36
CA ARG A 20 -2.96 -6.73 7.87
C ARG A 20 -3.11 -6.62 6.36
N ARG A 21 -3.26 -5.38 5.88
CA ARG A 21 -3.39 -5.16 4.44
C ARG A 21 -2.06 -5.53 3.76
N PRO A 22 -2.09 -6.21 2.64
CA PRO A 22 -0.84 -6.60 1.92
C PRO A 22 -0.24 -5.44 1.12
N GLY A 23 0.35 -4.48 1.83
CA GLY A 23 0.96 -3.32 1.17
C GLY A 23 0.05 -2.80 0.06
N LEU A 24 0.57 -2.79 -1.16
CA LEU A 24 -0.20 -2.31 -2.31
C LEU A 24 -0.28 -0.78 -2.31
N THR A 25 0.83 -0.14 -1.96
CA THR A 25 0.89 1.33 -1.94
C THR A 25 1.85 1.81 -3.02
N ARG A 26 3.16 1.62 -2.76
CA ARG A 26 4.25 2.01 -3.70
C ARG A 26 3.71 2.66 -4.97
N LYS A 27 3.12 3.85 -4.81
CA LYS A 27 2.54 4.58 -5.95
C LYS A 27 3.59 4.93 -7.02
N PRO A 28 4.81 5.25 -6.65
CA PRO A 28 5.86 5.62 -7.65
C PRO A 28 6.13 4.54 -8.69
N TYR A 29 6.35 4.97 -9.94
CA TYR A 29 6.62 4.06 -11.06
C TYR A 29 6.78 4.87 -12.34
N GLN A 30 7.79 5.77 -12.34
CA GLN A 30 8.05 6.64 -13.49
C GLN A 30 6.76 7.08 -14.19
N PRO A 31 5.91 7.79 -13.50
CA PRO A 31 4.62 8.29 -14.07
C PRO A 31 4.81 9.06 -15.39
N TYR A 32 5.85 9.91 -15.40
CA TYR A 32 6.14 10.74 -16.58
C TYR A 32 4.85 11.34 -17.14
N ALA A 33 4.60 12.60 -16.78
CA ALA A 33 3.38 13.29 -17.20
C ALA A 33 3.67 14.52 -18.07
N PRO A 34 3.65 14.40 -19.38
CA PRO A 34 3.91 15.58 -20.27
C PRO A 34 2.65 16.43 -20.40
N ALA A 35 2.74 17.68 -19.97
CA ALA A 35 1.59 18.60 -20.05
C ALA A 35 2.01 19.95 -20.58
N ARG A 36 3.07 20.51 -19.99
CA ARG A 36 3.62 21.83 -20.39
C ARG A 36 2.81 22.49 -21.51
N ASP A 37 2.12 23.58 -21.18
CA ASP A 37 1.29 24.27 -22.17
C ASP A 37 2.02 24.32 -23.52
N PHE A 38 2.78 25.39 -23.72
CA PHE A 38 3.56 25.55 -24.94
C PHE A 38 4.28 26.90 -24.90
N ALA A 39 4.85 27.19 -23.71
CA ALA A 39 5.60 28.42 -23.44
C ALA A 39 5.48 29.47 -24.55
N ALA A 40 4.27 29.98 -24.75
CA ALA A 40 3.99 30.99 -25.79
C ALA A 40 3.57 30.31 -27.08
N TYR A 41 2.53 29.52 -26.96
CA TYR A 41 1.97 28.78 -28.10
C TYR A 41 3.08 28.30 -29.04
N ARG A 42 4.29 28.15 -28.52
CA ARG A 42 5.40 27.68 -29.36
C ARG A 42 4.95 26.44 -30.16
N PRO A 43 5.53 26.16 -31.30
CA PRO A 43 5.14 24.98 -32.13
C PRO A 43 4.78 23.76 -31.28
N GLY A 1 -10.21 -26.15 27.38
CA GLY A 1 -9.78 -24.98 28.21
C GLY A 1 -8.26 -24.99 28.37
N THR A 2 -7.81 -24.80 29.61
CA THR A 2 -6.37 -24.79 29.89
C THR A 2 -5.70 -23.64 29.16
N ASN A 3 -4.78 -22.94 29.85
CA ASN A 3 -4.06 -21.83 29.25
C ASN A 3 -2.73 -22.34 28.70
N SER A 4 -1.66 -21.56 28.85
CA SER A 4 -0.35 -21.98 28.35
C SER A 4 -0.31 -21.91 26.83
N ARG A 5 -0.65 -20.75 26.27
CA ARG A 5 -0.64 -20.55 24.82
C ARG A 5 0.72 -20.97 24.25
N ARG A 6 0.99 -20.54 23.01
CA ARG A 6 2.25 -20.91 22.36
C ARG A 6 2.45 -20.12 21.07
N ASN A 7 1.88 -18.91 21.03
CA ASN A 7 1.97 -18.03 19.85
C ASN A 7 0.83 -18.34 18.88
N ARG A 8 0.24 -17.29 18.31
CA ARG A 8 -0.87 -17.45 17.36
C ARG A 8 -0.65 -18.68 16.47
N LEU A 9 0.11 -18.51 15.39
CA LEU A 9 0.37 -19.64 14.48
C LEU A 9 1.70 -19.40 13.74
N LEU A 10 2.81 -19.37 14.49
CA LEU A 10 4.16 -19.16 13.94
C LEU A 10 4.12 -18.51 12.56
N GLN A 11 4.53 -17.24 12.50
CA GLN A 11 4.54 -16.51 11.24
C GLN A 11 3.10 -16.12 10.90
N SER A 12 2.95 -14.96 10.27
CA SER A 12 1.63 -14.48 9.91
C SER A 12 0.76 -14.35 11.16
N ASP A 13 0.70 -13.14 11.72
CA ASP A 13 -0.09 -12.92 12.93
C ASP A 13 -1.57 -12.83 12.58
N TYR A 14 -2.42 -12.94 13.60
CA TYR A 14 -3.86 -12.91 13.40
C TYR A 14 -4.32 -11.56 12.87
N MET A 15 -3.41 -10.60 12.79
CA MET A 15 -3.71 -9.24 12.29
C MET A 15 -5.20 -9.02 12.06
N ASN A 16 -5.91 -8.77 13.17
CA ASN A 16 -7.36 -8.57 13.14
C ASN A 16 -7.82 -7.99 11.80
N MET A 17 -8.94 -8.52 11.29
CA MET A 17 -9.50 -8.11 9.99
C MET A 17 -8.89 -8.97 8.89
N THR A 18 -7.59 -8.84 8.68
CA THR A 18 -6.90 -9.63 7.66
C THR A 18 -5.39 -9.29 7.64
N PRO A 19 -4.54 -10.18 7.17
CA PRO A 19 -3.07 -9.90 7.08
C PRO A 19 -2.79 -8.58 6.36
N ARG A 20 -1.76 -7.87 6.83
CA ARG A 20 -1.36 -6.57 6.26
C ARG A 20 -1.68 -6.51 4.77
N ARG A 21 -1.98 -5.31 4.28
CA ARG A 21 -2.30 -5.14 2.88
C ARG A 21 -1.02 -5.16 2.03
N PRO A 22 -1.11 -5.55 0.78
CA PRO A 22 0.07 -5.59 -0.13
C PRO A 22 0.45 -4.19 -0.61
N GLY A 23 1.64 -3.74 -0.25
CA GLY A 23 2.10 -2.41 -0.65
C GLY A 23 1.80 -2.14 -2.11
N LEU A 24 0.84 -1.25 -2.35
CA LEU A 24 0.45 -0.90 -3.72
C LEU A 24 -0.03 0.55 -3.77
N THR A 25 0.44 1.36 -2.83
CA THR A 25 0.06 2.79 -2.78
C THR A 25 1.13 3.68 -3.41
N ARG A 26 2.35 3.62 -2.88
CA ARG A 26 3.46 4.43 -3.40
C ARG A 26 3.39 4.52 -4.93
N LYS A 27 3.59 5.73 -5.46
CA LYS A 27 3.54 5.94 -6.92
C LYS A 27 4.08 4.72 -7.65
N PRO A 28 3.39 4.19 -8.64
CA PRO A 28 3.86 2.97 -9.37
C PRO A 28 4.96 3.28 -10.39
N TYR A 29 5.91 4.14 -9.98
CA TYR A 29 7.05 4.53 -10.81
C TYR A 29 6.65 4.91 -12.25
N GLN A 30 7.08 6.11 -12.65
CA GLN A 30 6.83 6.71 -13.98
C GLN A 30 5.89 7.93 -13.84
N PRO A 31 6.42 9.07 -13.48
CA PRO A 31 5.58 10.30 -13.30
C PRO A 31 4.67 10.59 -14.49
N TYR A 32 5.24 10.50 -15.69
CA TYR A 32 4.49 10.74 -16.93
C TYR A 32 3.52 11.93 -16.76
N ALA A 33 3.89 13.08 -17.30
CA ALA A 33 3.03 14.25 -17.21
C ALA A 33 3.32 15.24 -18.35
N PRO A 34 2.83 14.99 -19.54
CA PRO A 34 3.05 15.92 -20.68
C PRO A 34 2.62 17.33 -20.31
N ALA A 35 3.60 18.20 -20.10
CA ALA A 35 3.30 19.60 -19.72
C ALA A 35 3.10 20.47 -20.96
N ARG A 36 4.18 20.69 -21.71
CA ARG A 36 4.10 21.50 -22.93
C ARG A 36 3.16 22.70 -22.74
N ASP A 37 3.74 23.85 -22.44
CA ASP A 37 2.94 25.06 -22.24
C ASP A 37 2.10 25.37 -23.47
N PHE A 38 1.13 26.27 -23.32
CA PHE A 38 0.25 26.64 -24.43
C PHE A 38 -0.33 28.05 -24.23
N ALA A 39 0.08 28.71 -23.15
CA ALA A 39 -0.43 30.06 -22.86
C ALA A 39 -0.08 31.04 -23.97
N ALA A 40 1.06 30.84 -24.63
CA ALA A 40 1.47 31.73 -25.73
C ALA A 40 1.20 31.06 -27.07
N TYR A 41 1.38 29.74 -27.10
CA TYR A 41 1.15 28.96 -28.32
C TYR A 41 1.54 29.74 -29.56
N ARG A 42 2.83 30.04 -29.68
CA ARG A 42 3.36 30.80 -30.82
C ARG A 42 2.56 30.50 -32.10
N PRO A 43 2.19 31.49 -32.90
CA PRO A 43 1.42 31.25 -34.15
C PRO A 43 1.89 29.99 -34.88
N GLY A 1 -15.34 -14.91 28.00
CA GLY A 1 -14.59 -13.67 28.37
C GLY A 1 -13.19 -14.05 28.83
N THR A 2 -12.80 -13.55 30.00
CA THR A 2 -11.49 -13.84 30.56
C THR A 2 -10.38 -13.29 29.66
N ASN A 3 -9.33 -12.73 30.27
CA ASN A 3 -8.21 -12.20 29.50
C ASN A 3 -7.23 -13.33 29.20
N SER A 4 -5.93 -13.03 29.22
CA SER A 4 -4.93 -14.06 28.93
C SER A 4 -5.15 -14.62 27.53
N ARG A 5 -4.86 -13.79 26.53
CA ARG A 5 -5.05 -14.20 25.14
C ARG A 5 -4.37 -15.54 24.86
N ARG A 6 -3.11 -15.70 25.32
CA ARG A 6 -2.40 -16.95 25.14
C ARG A 6 -2.45 -17.41 23.68
N ASN A 7 -1.34 -17.22 22.96
CA ASN A 7 -1.27 -17.61 21.55
C ASN A 7 -2.33 -16.86 20.74
N ARG A 8 -1.94 -15.71 20.20
CA ARG A 8 -2.87 -14.88 19.43
C ARG A 8 -3.34 -15.64 18.19
N LEU A 9 -2.41 -16.27 17.46
CA LEU A 9 -2.76 -17.04 16.27
C LEU A 9 -1.50 -17.62 15.61
N LEU A 10 -0.49 -17.91 16.42
CA LEU A 10 0.79 -18.47 15.93
C LEU A 10 1.12 -18.04 14.50
N GLN A 11 2.16 -17.23 14.38
CA GLN A 11 2.62 -16.77 13.06
C GLN A 11 1.61 -15.77 12.49
N SER A 12 2.13 -14.68 11.95
CA SER A 12 1.31 -13.64 11.35
C SER A 12 0.13 -13.29 12.26
N ASP A 13 0.19 -13.76 13.51
CA ASP A 13 -0.87 -13.52 14.51
C ASP A 13 -2.21 -13.23 13.84
N TYR A 14 -3.00 -12.33 14.43
CA TYR A 14 -4.30 -11.99 13.86
C TYR A 14 -4.17 -10.87 12.83
N MET A 15 -2.92 -10.54 12.45
CA MET A 15 -2.63 -9.48 11.47
C MET A 15 -3.89 -8.98 10.77
N ASN A 16 -4.55 -8.02 11.42
CA ASN A 16 -5.78 -7.45 10.88
C ASN A 16 -5.68 -7.21 9.37
N MET A 17 -6.84 -7.09 8.73
CA MET A 17 -6.93 -6.87 7.27
C MET A 17 -6.63 -8.17 6.52
N THR A 18 -5.39 -8.65 6.64
CA THR A 18 -4.98 -9.87 5.97
C THR A 18 -3.45 -10.01 6.09
N PRO A 19 -2.90 -11.19 6.30
CA PRO A 19 -1.41 -11.34 6.38
C PRO A 19 -0.73 -10.71 5.17
N ARG A 20 0.40 -10.04 5.42
CA ARG A 20 1.16 -9.37 4.37
C ARG A 20 0.25 -8.83 3.27
N ARG A 21 -0.02 -7.53 3.34
CA ARG A 21 -0.89 -6.88 2.36
C ARG A 21 -0.05 -6.27 1.23
N PRO A 22 -0.60 -6.15 0.05
CA PRO A 22 0.13 -5.56 -1.10
C PRO A 22 0.17 -4.03 -1.00
N GLY A 23 1.38 -3.48 -1.00
CA GLY A 23 1.54 -2.03 -0.90
C GLY A 23 0.92 -1.34 -2.11
N LEU A 24 0.42 -0.12 -1.91
CA LEU A 24 -0.21 0.65 -2.99
C LEU A 24 0.27 2.10 -2.96
N THR A 25 1.45 2.31 -2.38
CA THR A 25 2.02 3.66 -2.27
C THR A 25 3.02 3.91 -3.39
N ARG A 26 4.07 3.09 -3.45
CA ARG A 26 5.09 3.24 -4.49
C ARG A 26 4.43 3.41 -5.86
N LYS A 27 4.92 4.37 -6.62
CA LYS A 27 4.40 4.66 -7.96
C LYS A 27 4.94 3.63 -8.97
N PRO A 28 4.13 2.73 -9.52
CA PRO A 28 4.62 1.71 -10.51
C PRO A 28 5.23 2.30 -11.79
N TYR A 29 6.30 3.09 -11.63
CA TYR A 29 7.02 3.71 -12.76
C TYR A 29 6.10 4.36 -13.80
N GLN A 30 6.44 5.62 -14.12
CA GLN A 30 5.73 6.47 -15.10
C GLN A 30 5.08 7.67 -14.38
N PRO A 31 5.83 8.74 -14.15
CA PRO A 31 5.29 9.94 -13.44
C PRO A 31 4.03 10.50 -14.10
N TYR A 32 4.16 10.91 -15.36
CA TYR A 32 3.02 11.47 -16.11
C TYR A 32 2.15 12.33 -15.18
N ALA A 33 2.40 13.64 -15.19
CA ALA A 33 1.61 14.56 -14.35
C ALA A 33 1.48 15.93 -15.04
N PRO A 34 0.65 16.04 -16.03
CA PRO A 34 0.45 17.34 -16.73
C PRO A 34 0.10 18.45 -15.75
N ALA A 35 1.08 19.31 -15.48
CA ALA A 35 0.86 20.43 -14.53
C ALA A 35 0.89 21.76 -15.27
N ARG A 36 2.00 22.01 -15.97
CA ARG A 36 2.18 23.26 -16.76
C ARG A 36 1.44 24.44 -16.13
N ASP A 37 1.22 25.49 -16.92
CA ASP A 37 0.53 26.69 -16.43
C ASP A 37 -0.48 27.16 -17.46
N PHE A 38 -0.26 28.35 -18.00
CA PHE A 38 -1.14 28.91 -19.00
C PHE A 38 -0.55 30.22 -19.52
N ALA A 39 0.75 30.37 -19.34
CA ALA A 39 1.46 31.57 -19.80
C ALA A 39 0.69 32.84 -19.47
N ALA A 40 -0.16 32.78 -18.43
CA ALA A 40 -0.96 33.94 -18.02
C ALA A 40 -2.25 33.98 -18.84
N TYR A 41 -2.91 32.83 -18.90
CA TYR A 41 -4.15 32.69 -19.67
C TYR A 41 -3.99 33.29 -21.06
N ARG A 42 -2.75 33.63 -21.44
CA ARG A 42 -2.49 34.21 -22.76
C ARG A 42 -3.31 33.46 -23.82
N PRO A 43 -3.61 34.09 -24.93
CA PRO A 43 -4.40 33.44 -26.02
C PRO A 43 -4.08 31.95 -26.17
N GLY A 1 -8.51 -22.73 20.71
CA GLY A 1 -7.19 -22.04 20.77
C GLY A 1 -7.05 -21.33 22.11
N THR A 2 -6.38 -20.18 22.10
CA THR A 2 -6.19 -19.40 23.32
C THR A 2 -5.46 -20.23 24.38
N ASN A 3 -4.59 -19.57 25.17
CA ASN A 3 -3.84 -20.29 26.20
C ASN A 3 -2.89 -21.29 25.55
N SER A 4 -1.60 -21.18 25.88
CA SER A 4 -0.60 -22.11 25.31
C SER A 4 -0.67 -22.11 23.79
N ARG A 5 -0.65 -20.92 23.21
CA ARG A 5 -0.72 -20.79 21.75
C ARG A 5 0.48 -21.46 21.07
N ARG A 6 1.67 -20.85 21.22
CA ARG A 6 2.90 -21.36 20.61
C ARG A 6 2.74 -21.54 19.11
N ASN A 7 3.73 -21.08 18.34
CA ASN A 7 3.68 -21.20 16.88
C ASN A 7 2.43 -20.53 16.34
N ARG A 8 2.30 -19.23 16.63
CA ARG A 8 1.12 -18.48 16.17
C ARG A 8 0.78 -18.88 14.73
N LEU A 9 1.60 -18.46 13.78
CA LEU A 9 1.36 -18.81 12.38
C LEU A 9 2.59 -18.47 11.52
N LEU A 10 3.79 -18.63 12.10
CA LEU A 10 5.07 -18.33 11.41
C LEU A 10 4.89 -17.31 10.28
N GLN A 11 5.33 -16.08 10.53
CA GLN A 11 5.19 -15.03 9.51
C GLN A 11 3.70 -14.72 9.33
N SER A 12 3.41 -13.49 8.93
CA SER A 12 2.02 -13.08 8.73
C SER A 12 1.25 -13.18 10.05
N ASP A 13 1.07 -12.06 10.75
CA ASP A 13 0.36 -12.07 12.02
C ASP A 13 -1.13 -12.34 11.80
N TYR A 14 -1.74 -13.07 12.73
CA TYR A 14 -3.16 -13.40 12.62
C TYR A 14 -4.03 -12.16 12.60
N MET A 15 -3.43 -11.01 12.91
CA MET A 15 -4.15 -9.71 12.93
C MET A 15 -5.66 -9.89 12.79
N ASN A 16 -6.28 -10.28 13.91
CA ASN A 16 -7.74 -10.52 13.94
C ASN A 16 -8.48 -9.63 12.93
N MET A 17 -9.55 -10.17 12.36
CA MET A 17 -10.36 -9.47 11.33
C MET A 17 -9.80 -9.78 9.96
N THR A 18 -8.55 -9.40 9.73
CA THR A 18 -7.91 -9.65 8.44
C THR A 18 -6.44 -9.18 8.48
N PRO A 19 -5.60 -9.74 7.64
CA PRO A 19 -4.15 -9.37 7.58
C PRO A 19 -3.94 -7.99 6.96
N ARG A 20 -2.91 -7.27 7.43
CA ARG A 20 -2.60 -5.93 6.91
C ARG A 20 -2.94 -5.81 5.43
N ARG A 21 -3.25 -4.59 4.99
CA ARG A 21 -3.58 -4.36 3.59
C ARG A 21 -2.30 -4.24 2.77
N PRO A 22 -2.33 -4.59 1.50
CA PRO A 22 -1.13 -4.50 0.63
C PRO A 22 -0.82 -3.04 0.30
N GLY A 23 0.46 -2.69 0.30
CA GLY A 23 0.83 -1.31 -0.01
C GLY A 23 0.30 -0.91 -1.38
N LEU A 24 -0.25 0.30 -1.47
CA LEU A 24 -0.80 0.80 -2.73
C LEU A 24 -0.49 2.28 -2.89
N THR A 25 0.60 2.72 -2.27
CA THR A 25 1.04 4.12 -2.35
C THR A 25 2.21 4.25 -3.32
N ARG A 26 3.34 3.64 -2.96
CA ARG A 26 4.57 3.69 -3.79
C ARG A 26 4.24 3.96 -5.25
N LYS A 27 4.57 5.17 -5.71
CA LYS A 27 4.29 5.58 -7.10
C LYS A 27 4.36 4.40 -8.06
N PRO A 28 3.63 4.43 -9.13
CA PRO A 28 3.60 3.31 -10.13
C PRO A 28 4.85 3.26 -11.01
N TYR A 29 6.03 3.47 -10.39
CA TYR A 29 7.32 3.45 -11.10
C TYR A 29 7.27 4.34 -12.35
N GLN A 30 8.31 5.18 -12.51
CA GLN A 30 8.39 6.13 -13.63
C GLN A 30 6.98 6.59 -14.05
N PRO A 31 6.32 7.30 -13.17
CA PRO A 31 4.93 7.80 -13.42
C PRO A 31 4.77 8.44 -14.78
N TYR A 32 5.77 9.21 -15.19
CA TYR A 32 5.75 9.89 -16.47
C TYR A 32 4.39 10.55 -16.72
N ALA A 33 4.36 11.88 -16.62
CA ALA A 33 3.13 12.63 -16.81
C ALA A 33 3.41 14.00 -17.38
N PRO A 34 3.70 14.10 -18.65
CA PRO A 34 3.97 15.41 -19.29
C PRO A 34 2.83 16.39 -18.99
N ALA A 35 3.17 17.45 -18.27
CA ALA A 35 2.19 18.48 -17.90
C ALA A 35 2.51 19.80 -18.58
N ARG A 36 3.72 20.32 -18.32
CA ARG A 36 4.20 21.58 -18.90
C ARG A 36 3.04 22.53 -19.25
N ASP A 37 3.26 23.44 -20.20
CA ASP A 37 2.21 24.39 -20.60
C ASP A 37 2.13 24.45 -22.13
N PHE A 38 2.69 25.49 -22.70
CA PHE A 38 2.71 25.66 -24.15
C PHE A 38 3.60 26.84 -24.50
N ALA A 39 4.08 27.50 -23.45
CA ALA A 39 4.97 28.65 -23.57
C ALA A 39 4.42 29.72 -24.52
N ALA A 40 3.14 30.04 -24.37
CA ALA A 40 2.49 31.06 -25.21
C ALA A 40 1.95 30.42 -26.48
N TYR A 41 1.33 29.27 -26.31
CA TYR A 41 0.75 28.55 -27.45
C TYR A 41 1.78 28.43 -28.57
N ARG A 42 3.05 28.71 -28.24
CA ARG A 42 4.13 28.63 -29.23
C ARG A 42 3.93 27.39 -30.12
N PRO A 43 4.48 27.39 -31.32
CA PRO A 43 4.35 26.25 -32.26
C PRO A 43 4.36 24.90 -31.53
#